data_2NN1
#
_entry.id   2NN1
#
_cell.length_a   62.421
_cell.length_b   71.818
_cell.length_c   121.965
_cell.angle_alpha   90.000
_cell.angle_beta   90.000
_cell.angle_gamma   90.000
#
_symmetry.space_group_name_H-M   'P 21 21 21'
#
loop_
_entity.id
_entity.type
_entity.pdbx_description
1 polymer 'Carbonic anhydrase 1'
2 non-polymer 'ZINC ION'
3 non-polymer '3-[4-(AMINOSULFONYL)PHENYL]PROPANOIC ACID'
4 non-polymer 2-AMINO-2-HYDROXYMETHYL-PROPANE-1,3-DIOL
5 non-polymer 'SODIUM ION'
6 water water
#
_entity_poly.entity_id   1
_entity_poly.type   'polypeptide(L)'
_entity_poly.pdbx_seq_one_letter_code
;ASPDWGYDDKNGPEQWSKLYPIANGNNQSPVDIKTSETKHDTSLKPISVSYNPATAKEIINVGHSFHVNFEDNDNRSVLK
GGPFSDSYRLFQFHFHWGSTNEHGSEHTVDGVKYSAELHVAHWNSAKYSSLAEAASKADGLAVIGVLMKVGEANPKLQKV
LDALQAIKTKGKRAPFTNFDPSTLLPSSLDFWTYPGSLTHPPLYESVTWIICKESISVSSEQLAQFRSLLSNVEGDNAVP
MQHNNRPTQPLKGRTVRASF
;
_entity_poly.pdbx_strand_id   A,B
#
# COMPACT_ATOMS: atom_id res chain seq x y z
N PRO A 3 3.30 -6.66 -14.01
CA PRO A 3 2.03 -6.10 -13.47
C PRO A 3 0.82 -6.44 -14.36
N ASP A 4 -0.36 -6.50 -13.75
CA ASP A 4 -1.57 -6.82 -14.49
C ASP A 4 -2.26 -5.60 -15.10
N TRP A 5 -1.61 -4.44 -15.01
CA TRP A 5 -2.19 -3.24 -15.59
C TRP A 5 -1.12 -2.36 -16.21
N GLY A 6 -1.54 -1.52 -17.17
CA GLY A 6 -0.62 -0.62 -17.83
C GLY A 6 -1.40 0.43 -18.59
N TYR A 7 -0.86 0.87 -19.71
CA TYR A 7 -1.51 1.88 -20.53
C TYR A 7 -1.65 1.40 -21.96
N ASP A 8 -1.34 0.13 -22.20
CA ASP A 8 -1.46 -0.43 -23.54
C ASP A 8 -2.91 -0.73 -23.83
N ASP A 9 -3.16 -1.22 -25.03
CA ASP A 9 -4.52 -1.52 -25.46
C ASP A 9 -5.25 -2.56 -24.61
N LYS A 10 -4.59 -3.66 -24.29
CA LYS A 10 -5.18 -4.74 -23.50
C LYS A 10 -5.20 -4.55 -21.98
N ASN A 11 -4.21 -3.85 -21.44
CA ASN A 11 -4.16 -3.65 -20.00
C ASN A 11 -4.36 -2.20 -19.60
N GLY A 12 -4.81 -1.39 -20.56
CA GLY A 12 -5.01 0.03 -20.32
C GLY A 12 -6.21 0.48 -19.52
N PRO A 13 -6.33 1.81 -19.32
CA PRO A 13 -7.42 2.45 -18.57
C PRO A 13 -8.81 1.93 -18.88
N GLU A 14 -9.11 1.77 -20.15
CA GLU A 14 -10.44 1.29 -20.56
C GLU A 14 -10.72 -0.13 -20.08
N GLN A 15 -9.67 -0.86 -19.71
CA GLN A 15 -9.83 -2.25 -19.24
C GLN A 15 -9.60 -2.47 -17.76
N TRP A 16 -9.17 -1.42 -17.05
CA TRP A 16 -8.87 -1.54 -15.62
C TRP A 16 -10.02 -2.05 -14.72
N SER A 17 -11.27 -1.73 -15.07
CA SER A 17 -12.39 -2.16 -14.25
C SER A 17 -12.51 -3.68 -14.07
N LYS A 18 -11.92 -4.44 -14.99
CA LYS A 18 -11.96 -5.90 -14.91
C LYS A 18 -11.22 -6.40 -13.67
N LEU A 19 -10.07 -5.80 -13.39
CA LEU A 19 -9.27 -6.20 -12.24
C LEU A 19 -9.52 -5.27 -11.04
N TYR A 20 -9.88 -4.03 -11.32
CA TYR A 20 -10.15 -3.05 -10.26
C TYR A 20 -11.51 -2.41 -10.47
N PRO A 21 -12.58 -3.06 -9.96
CA PRO A 21 -13.96 -2.59 -10.08
C PRO A 21 -14.21 -1.13 -9.69
N ILE A 22 -13.38 -0.60 -8.79
CA ILE A 22 -13.54 0.78 -8.33
C ILE A 22 -13.31 1.79 -9.45
N ALA A 23 -12.70 1.32 -10.54
CA ALA A 23 -12.41 2.17 -11.70
C ALA A 23 -13.70 2.83 -12.20
N ASN A 24 -14.83 2.20 -11.94
CA ASN A 24 -16.13 2.74 -12.35
C ASN A 24 -16.86 3.33 -11.15
N GLY A 25 -16.11 3.77 -10.15
CA GLY A 25 -16.69 4.33 -8.94
C GLY A 25 -17.26 5.74 -9.09
N ASN A 26 -17.70 6.32 -7.98
CA ASN A 26 -18.27 7.66 -8.00
C ASN A 26 -17.28 8.78 -7.66
N ASN A 27 -16.05 8.41 -7.32
CA ASN A 27 -15.04 9.40 -6.97
C ASN A 27 -13.74 9.17 -7.74
N GLN A 28 -13.86 8.88 -9.02
CA GLN A 28 -12.68 8.62 -9.85
C GLN A 28 -12.04 9.86 -10.46
N SER A 29 -10.71 9.81 -10.63
CA SER A 29 -9.94 10.90 -11.21
C SER A 29 -9.13 10.38 -12.40
N PRO A 30 -8.72 11.28 -13.32
CA PRO A 30 -8.96 12.72 -13.33
C PRO A 30 -10.35 13.07 -13.85
N VAL A 31 -10.65 14.37 -13.89
CA VAL A 31 -11.93 14.83 -14.39
C VAL A 31 -11.73 16.10 -15.21
N ASP A 32 -12.75 16.47 -15.98
CA ASP A 32 -12.69 17.68 -16.76
C ASP A 32 -13.28 18.77 -15.87
N ILE A 33 -12.55 19.86 -15.70
CA ILE A 33 -13.05 20.95 -14.87
C ILE A 33 -13.77 21.97 -15.73
N LYS A 34 -15.09 22.05 -15.56
CA LYS A 34 -15.89 23.03 -16.31
C LYS A 34 -16.02 24.25 -15.43
N THR A 35 -15.28 25.29 -15.78
CA THR A 35 -15.26 26.52 -15.02
C THR A 35 -16.63 27.18 -14.79
N SER A 36 -17.57 26.97 -15.71
CA SER A 36 -18.89 27.55 -15.58
C SER A 36 -19.71 26.83 -14.50
N GLU A 37 -19.25 25.66 -14.06
CA GLU A 37 -19.95 24.88 -13.05
C GLU A 37 -19.21 24.78 -11.71
N THR A 38 -18.07 25.45 -11.59
CA THR A 38 -17.32 25.40 -10.35
C THR A 38 -17.93 26.34 -9.31
N LYS A 39 -17.86 25.94 -8.04
CA LYS A 39 -18.41 26.76 -6.97
C LYS A 39 -17.32 27.48 -6.19
N HIS A 40 -17.33 28.81 -6.28
CA HIS A 40 -16.35 29.64 -5.58
C HIS A 40 -16.66 29.64 -4.09
N ASP A 41 -15.94 28.82 -3.34
CA ASP A 41 -16.11 28.71 -1.90
C ASP A 41 -15.23 29.75 -1.18
N THR A 42 -15.78 30.36 -0.14
CA THR A 42 -15.06 31.37 0.63
C THR A 42 -14.41 30.80 1.89
N SER A 43 -14.74 29.56 2.21
CA SER A 43 -14.16 28.91 3.38
C SER A 43 -12.81 28.27 3.02
N LEU A 44 -12.43 28.39 1.76
CA LEU A 44 -11.17 27.84 1.28
C LEU A 44 -10.01 28.79 1.55
N LYS A 45 -9.05 28.32 2.35
CA LYS A 45 -7.89 29.14 2.68
C LYS A 45 -6.81 28.93 1.63
N PRO A 46 -5.80 29.82 1.61
CA PRO A 46 -4.73 29.68 0.62
C PRO A 46 -3.94 28.40 0.87
N ILE A 47 -3.34 27.87 -0.21
CA ILE A 47 -2.53 26.67 -0.10
C ILE A 47 -1.19 27.08 0.47
N SER A 48 -0.67 26.27 1.37
CA SER A 48 0.61 26.57 1.98
C SER A 48 1.53 25.35 1.92
N VAL A 49 2.64 25.48 1.20
CA VAL A 49 3.61 24.37 1.14
C VAL A 49 4.94 24.80 1.74
N SER A 50 5.53 23.89 2.50
CA SER A 50 6.81 24.14 3.13
C SER A 50 7.59 22.83 3.07
N TYR A 51 8.44 22.71 2.08
CA TYR A 51 9.22 21.50 1.91
C TYR A 51 10.69 21.70 2.25
N ASN A 52 11.28 20.67 2.84
CA ASN A 52 12.69 20.69 3.22
C ASN A 52 13.44 19.90 2.15
N PRO A 53 14.35 20.54 1.42
CA PRO A 53 15.09 19.83 0.37
C PRO A 53 15.82 18.58 0.84
N ALA A 54 16.14 18.51 2.13
CA ALA A 54 16.83 17.36 2.67
C ALA A 54 15.96 16.09 2.69
N THR A 55 14.66 16.23 2.50
CA THR A 55 13.78 15.06 2.49
C THR A 55 13.79 14.30 1.15
N ALA A 56 14.33 14.93 0.11
CA ALA A 56 14.41 14.28 -1.20
C ALA A 56 15.24 13.02 -0.97
N LYS A 57 14.82 11.89 -1.53
CA LYS A 57 15.52 10.65 -1.30
C LYS A 57 15.98 9.84 -2.50
N GLU A 58 15.03 9.44 -3.33
CA GLU A 58 15.36 8.57 -4.45
C GLU A 58 14.44 8.75 -5.66
N ILE A 59 14.98 8.46 -6.84
CA ILE A 59 14.22 8.54 -8.08
C ILE A 59 14.18 7.10 -8.61
N ILE A 60 12.99 6.65 -9.00
CA ILE A 60 12.80 5.27 -9.45
C ILE A 60 12.03 5.11 -10.75
N ASN A 61 12.48 4.19 -11.60
CA ASN A 61 11.77 3.90 -12.84
C ASN A 61 10.80 2.79 -12.42
N VAL A 62 9.50 3.06 -12.46
CA VAL A 62 8.51 2.06 -12.06
C VAL A 62 7.80 1.38 -13.23
N GLY A 63 8.46 1.37 -14.38
CA GLY A 63 7.90 0.72 -15.55
C GLY A 63 6.94 1.56 -16.38
N HIS A 64 5.91 2.11 -15.75
CA HIS A 64 4.93 2.92 -16.45
C HIS A 64 5.18 4.40 -16.28
N SER A 65 6.12 4.73 -15.40
CA SER A 65 6.45 6.11 -15.09
C SER A 65 7.70 6.09 -14.23
N PHE A 66 8.01 7.23 -13.62
CA PHE A 66 9.14 7.32 -12.71
C PHE A 66 8.66 8.17 -11.54
N HIS A 67 9.16 7.85 -10.35
CA HIS A 67 8.76 8.56 -9.14
C HIS A 67 9.97 9.13 -8.40
N VAL A 68 9.76 10.27 -7.76
CA VAL A 68 10.81 10.89 -6.95
C VAL A 68 10.23 10.80 -5.55
N ASN A 69 10.84 9.97 -4.71
CA ASN A 69 10.35 9.79 -3.36
C ASN A 69 11.09 10.60 -2.31
N PHE A 70 10.38 10.91 -1.24
CA PHE A 70 10.91 11.70 -0.14
C PHE A 70 10.82 10.95 1.18
N GLU A 71 11.68 11.29 2.13
CA GLU A 71 11.63 10.67 3.44
C GLU A 71 10.38 11.26 4.09
N ASP A 72 9.57 10.42 4.72
CA ASP A 72 8.33 10.89 5.34
C ASP A 72 8.18 10.40 6.80
N ASN A 73 9.27 10.50 7.56
CA ASN A 73 9.28 10.06 8.96
C ASN A 73 8.86 11.19 9.91
N ASP A 74 8.80 12.41 9.39
CA ASP A 74 8.40 13.55 10.20
C ASP A 74 7.78 14.63 9.32
N ASN A 75 7.45 15.78 9.93
CA ASN A 75 6.83 16.87 9.19
C ASN A 75 7.75 17.94 8.65
N ARG A 76 8.92 17.55 8.14
CA ARG A 76 9.84 18.53 7.59
C ARG A 76 9.30 19.11 6.28
N SER A 77 8.49 18.32 5.58
CA SER A 77 7.91 18.75 4.31
C SER A 77 6.41 18.52 4.37
N VAL A 78 5.64 19.60 4.44
CA VAL A 78 4.20 19.50 4.55
C VAL A 78 3.37 20.48 3.73
N LEU A 79 2.11 20.10 3.53
CA LEU A 79 1.12 20.89 2.81
C LEU A 79 0.01 21.24 3.82
N LYS A 80 -0.42 22.49 3.81
CA LYS A 80 -1.47 22.95 4.73
C LYS A 80 -2.34 23.99 4.03
N GLY A 81 -3.42 24.37 4.70
CA GLY A 81 -4.32 25.37 4.13
C GLY A 81 -5.34 24.76 3.19
N GLY A 82 -5.83 25.57 2.24
CA GLY A 82 -6.82 25.09 1.30
C GLY A 82 -8.04 24.55 2.02
N PRO A 83 -8.49 23.34 1.67
CA PRO A 83 -9.67 22.75 2.31
C PRO A 83 -9.27 21.85 3.48
N PHE A 84 -7.98 21.85 3.82
CA PHE A 84 -7.50 20.99 4.89
C PHE A 84 -7.43 21.64 6.26
N SER A 85 -7.63 20.82 7.28
CA SER A 85 -7.55 21.26 8.66
C SER A 85 -6.33 20.53 9.21
N ASP A 86 -6.02 19.38 8.59
CA ASP A 86 -4.88 18.56 9.01
C ASP A 86 -3.67 18.88 8.13
N SER A 87 -2.48 18.59 8.64
CA SER A 87 -1.25 18.81 7.90
C SER A 87 -0.97 17.54 7.09
N TYR A 88 -0.65 17.71 5.81
CA TYR A 88 -0.36 16.56 4.97
C TYR A 88 1.14 16.48 4.68
N ARG A 89 1.69 15.28 4.82
CA ARG A 89 3.12 15.06 4.64
C ARG A 89 3.51 14.63 3.23
N LEU A 90 4.46 15.37 2.65
CA LEU A 90 4.95 15.08 1.29
C LEU A 90 5.62 13.72 1.24
N PHE A 91 5.39 12.96 0.18
CA PHE A 91 6.07 11.67 0.07
C PHE A 91 6.57 11.38 -1.35
N GLN A 92 6.01 12.07 -2.33
CA GLN A 92 6.43 11.82 -3.71
C GLN A 92 5.88 12.82 -4.72
N PHE A 93 6.55 12.90 -5.87
CA PHE A 93 6.05 13.71 -6.97
C PHE A 93 6.42 12.94 -8.24
N HIS A 94 5.60 13.07 -9.26
CA HIS A 94 5.84 12.39 -10.53
C HIS A 94 5.07 13.12 -11.62
N PHE A 95 5.19 12.65 -12.85
CA PHE A 95 4.50 13.28 -13.97
C PHE A 95 3.71 12.27 -14.78
N HIS A 96 2.88 12.80 -15.67
CA HIS A 96 2.08 12.03 -16.61
C HIS A 96 2.27 12.79 -17.90
N TRP A 97 2.33 12.07 -19.02
CA TRP A 97 2.50 12.69 -20.33
C TRP A 97 1.79 11.84 -21.38
N GLY A 98 1.71 12.36 -22.60
CA GLY A 98 1.04 11.63 -23.67
C GLY A 98 1.99 11.30 -24.82
N SER A 99 1.48 10.60 -25.82
CA SER A 99 2.27 10.19 -26.99
C SER A 99 2.79 11.39 -27.80
N THR A 100 2.02 12.47 -27.80
CA THR A 100 2.40 13.68 -28.53
C THR A 100 2.05 14.88 -27.68
N ASN A 101 2.49 16.06 -28.09
CA ASN A 101 2.22 17.27 -27.33
C ASN A 101 0.74 17.61 -27.24
N GLU A 102 -0.04 17.09 -28.19
CA GLU A 102 -1.48 17.34 -28.24
C GLU A 102 -2.25 16.95 -26.98
N HIS A 103 -1.72 15.97 -26.26
CA HIS A 103 -2.36 15.48 -25.05
C HIS A 103 -1.27 15.03 -24.09
N GLY A 104 -1.65 14.64 -22.88
CA GLY A 104 -0.66 14.21 -21.92
C GLY A 104 -1.07 14.48 -20.50
N SER A 105 -1.80 15.57 -20.27
CA SER A 105 -2.24 15.89 -18.92
C SER A 105 -3.36 14.90 -18.59
N GLU A 106 -3.71 14.80 -17.31
CA GLU A 106 -4.77 13.90 -16.92
C GLU A 106 -6.03 14.74 -16.73
N HIS A 107 -5.92 15.80 -15.93
CA HIS A 107 -7.07 16.68 -15.76
C HIS A 107 -7.13 17.57 -17.01
N THR A 108 -8.32 18.08 -17.31
CA THR A 108 -8.52 18.99 -18.44
C THR A 108 -9.36 20.14 -17.92
N VAL A 109 -9.23 21.31 -18.53
CA VAL A 109 -10.01 22.47 -18.10
C VAL A 109 -10.84 22.95 -19.30
N ASP A 110 -12.15 22.89 -19.13
CA ASP A 110 -13.07 23.28 -20.19
C ASP A 110 -12.76 22.52 -21.47
N GLY A 111 -12.45 21.23 -21.31
CA GLY A 111 -12.14 20.37 -22.43
C GLY A 111 -10.75 20.47 -23.01
N VAL A 112 -9.97 21.45 -22.56
CA VAL A 112 -8.63 21.64 -23.08
C VAL A 112 -7.63 20.69 -22.45
N LYS A 113 -6.89 19.98 -23.32
CA LYS A 113 -5.89 19.02 -22.89
C LYS A 113 -4.50 19.65 -22.96
N TYR A 114 -3.70 19.43 -21.93
CA TYR A 114 -2.35 19.96 -21.93
C TYR A 114 -1.35 18.86 -22.23
N SER A 115 -0.07 19.21 -22.33
CA SER A 115 0.96 18.25 -22.70
C SER A 115 1.42 17.27 -21.63
N ALA A 116 1.34 17.68 -20.37
CA ALA A 116 1.75 16.83 -19.28
C ALA A 116 1.14 17.36 -18.00
N GLU A 117 1.35 16.63 -16.91
CA GLU A 117 0.82 17.04 -15.63
C GLU A 117 1.77 16.61 -14.53
N LEU A 118 1.96 17.48 -13.56
CA LEU A 118 2.82 17.22 -12.42
C LEU A 118 1.95 16.91 -11.21
N HIS A 119 2.29 15.85 -10.49
CA HIS A 119 1.55 15.45 -9.29
C HIS A 119 2.48 15.43 -8.09
N VAL A 120 2.12 16.17 -7.04
CA VAL A 120 2.90 16.21 -5.81
C VAL A 120 1.96 15.61 -4.76
N ALA A 121 2.31 14.43 -4.26
CA ALA A 121 1.46 13.72 -3.31
C ALA A 121 1.87 13.79 -1.84
N HIS A 122 0.85 13.83 -0.98
CA HIS A 122 1.05 13.91 0.46
C HIS A 122 0.04 13.00 1.17
N TRP A 123 0.36 12.54 2.38
CA TRP A 123 -0.57 11.72 3.13
C TRP A 123 -0.87 12.34 4.50
N ASN A 124 -2.08 12.10 4.99
CA ASN A 124 -2.55 12.66 6.26
C ASN A 124 -1.85 12.08 7.49
N SER A 125 -0.78 12.74 7.93
CA SER A 125 -0.02 12.30 9.09
C SER A 125 -0.64 12.73 10.41
N ALA A 126 -1.69 13.56 10.34
CA ALA A 126 -2.36 14.02 11.54
C ALA A 126 -3.32 12.95 12.06
N LYS A 127 -3.89 12.17 11.15
CA LYS A 127 -4.83 11.12 11.52
C LYS A 127 -4.29 9.70 11.37
N TYR A 128 -3.35 9.52 10.44
CA TYR A 128 -2.81 8.19 10.20
C TYR A 128 -1.31 8.07 10.50
N SER A 129 -0.84 6.84 10.62
CA SER A 129 0.56 6.58 10.96
C SER A 129 1.51 6.29 9.81
N SER A 130 0.96 6.02 8.62
CA SER A 130 1.80 5.73 7.48
C SER A 130 1.06 5.93 6.18
N LEU A 131 1.80 5.92 5.08
CA LEU A 131 1.22 6.07 3.75
C LEU A 131 0.33 4.87 3.48
N ALA A 132 0.81 3.70 3.88
CA ALA A 132 0.08 2.45 3.70
C ALA A 132 -1.31 2.51 4.32
N GLU A 133 -1.40 3.09 5.51
CA GLU A 133 -2.67 3.21 6.21
C GLU A 133 -3.54 4.28 5.56
N ALA A 134 -2.95 5.45 5.33
CA ALA A 134 -3.64 6.58 4.73
C ALA A 134 -4.12 6.37 3.28
N ALA A 135 -3.37 5.60 2.50
CA ALA A 135 -3.68 5.37 1.09
C ALA A 135 -5.11 4.98 0.74
N SER A 136 -5.77 4.25 1.63
CA SER A 136 -7.14 3.81 1.35
C SER A 136 -8.21 4.58 2.13
N LYS A 137 -7.81 5.64 2.83
CA LYS A 137 -8.76 6.44 3.61
C LYS A 137 -9.29 7.59 2.76
N ALA A 138 -10.59 7.87 2.89
CA ALA A 138 -11.23 8.94 2.14
C ALA A 138 -10.51 10.28 2.25
N ASP A 139 -9.94 10.54 3.42
CA ASP A 139 -9.23 11.78 3.68
C ASP A 139 -7.74 11.52 3.87
N GLY A 140 -7.28 10.39 3.35
CA GLY A 140 -5.89 10.00 3.50
C GLY A 140 -4.83 10.71 2.67
N LEU A 141 -5.15 11.05 1.42
CA LEU A 141 -4.19 11.68 0.53
C LEU A 141 -4.59 13.06 0.00
N ALA A 142 -3.57 13.85 -0.33
CA ALA A 142 -3.75 15.19 -0.90
C ALA A 142 -2.74 15.27 -2.03
N VAL A 143 -3.20 15.54 -3.25
CA VAL A 143 -2.28 15.64 -4.38
C VAL A 143 -2.49 16.96 -5.12
N ILE A 144 -1.39 17.68 -5.34
CA ILE A 144 -1.44 18.93 -6.08
C ILE A 144 -1.19 18.57 -7.54
N GLY A 145 -2.05 19.08 -8.42
CA GLY A 145 -1.88 18.81 -9.83
C GLY A 145 -1.57 20.12 -10.54
N VAL A 146 -0.54 20.11 -11.39
CA VAL A 146 -0.16 21.30 -12.13
C VAL A 146 -0.12 20.94 -13.60
N LEU A 147 -0.91 21.65 -14.40
CA LEU A 147 -0.96 21.41 -15.84
C LEU A 147 0.29 21.98 -16.50
N MET A 148 0.87 21.21 -17.41
CA MET A 148 2.08 21.62 -18.10
C MET A 148 1.77 21.90 -19.57
N LYS A 149 1.93 23.16 -19.95
CA LYS A 149 1.66 23.63 -21.31
C LYS A 149 2.94 23.68 -22.12
N VAL A 150 2.95 22.98 -23.26
CA VAL A 150 4.14 22.95 -24.10
C VAL A 150 4.48 24.37 -24.57
N GLY A 151 5.76 24.72 -24.43
CA GLY A 151 6.23 26.03 -24.82
C GLY A 151 7.72 26.13 -24.53
N GLU A 152 8.12 27.17 -23.82
CA GLU A 152 9.54 27.36 -23.50
C GLU A 152 10.06 26.27 -22.55
N ALA A 153 11.32 25.91 -22.72
CA ALA A 153 11.93 24.90 -21.85
C ALA A 153 11.81 25.43 -20.42
N ASN A 154 11.57 24.52 -19.47
CA ASN A 154 11.43 24.89 -18.07
C ASN A 154 12.72 24.53 -17.34
N PRO A 155 13.53 25.53 -16.97
CA PRO A 155 14.79 25.27 -16.26
C PRO A 155 14.66 24.56 -14.91
N LYS A 156 13.52 24.76 -14.24
CA LYS A 156 13.29 24.15 -12.94
C LYS A 156 13.15 22.62 -13.00
N LEU A 157 13.02 22.08 -14.21
CA LEU A 157 12.91 20.64 -14.40
C LEU A 157 14.28 20.00 -14.61
N GLN A 158 15.31 20.82 -14.75
CA GLN A 158 16.67 20.37 -15.01
C GLN A 158 17.23 19.23 -14.17
N LYS A 159 17.15 19.33 -12.84
CA LYS A 159 17.70 18.28 -12.00
C LYS A 159 16.97 16.95 -12.24
N VAL A 160 15.65 17.03 -12.39
CA VAL A 160 14.87 15.81 -12.63
C VAL A 160 15.28 15.19 -13.97
N LEU A 161 15.29 16.01 -15.02
CA LEU A 161 15.64 15.56 -16.36
C LEU A 161 17.03 14.94 -16.44
N ASP A 162 18.00 15.58 -15.79
CA ASP A 162 19.37 15.10 -15.80
C ASP A 162 19.53 13.78 -15.05
N ALA A 163 18.57 13.45 -14.19
CA ALA A 163 18.66 12.22 -13.42
C ALA A 163 18.14 10.99 -14.15
N LEU A 164 17.33 11.22 -15.18
CA LEU A 164 16.73 10.12 -15.93
C LEU A 164 17.73 9.14 -16.56
N GLN A 165 18.88 9.65 -17.02
CA GLN A 165 19.87 8.77 -17.65
C GLN A 165 20.39 7.66 -16.72
N ALA A 166 20.10 7.77 -15.43
CA ALA A 166 20.54 6.78 -14.45
C ALA A 166 19.46 5.77 -14.09
N ILE A 167 18.24 5.98 -14.58
CA ILE A 167 17.14 5.07 -14.31
C ILE A 167 16.37 4.80 -15.61
N LYS A 168 17.10 4.58 -16.69
CA LYS A 168 16.48 4.36 -18.00
C LYS A 168 15.54 3.17 -18.10
N THR A 169 15.85 2.07 -17.42
CA THR A 169 15.01 0.88 -17.50
C THR A 169 14.26 0.51 -16.21
N LYS A 170 13.18 -0.25 -16.38
CA LYS A 170 12.33 -0.66 -15.28
C LYS A 170 13.05 -1.24 -14.07
N GLY A 171 12.75 -0.68 -12.91
CA GLY A 171 13.37 -1.16 -11.69
C GLY A 171 14.59 -0.39 -11.24
N LYS A 172 15.29 0.28 -12.15
CA LYS A 172 16.48 1.04 -11.76
C LYS A 172 16.09 2.19 -10.84
N ARG A 173 16.95 2.47 -9.87
CA ARG A 173 16.71 3.56 -8.94
C ARG A 173 18.03 4.18 -8.56
N ALA A 174 18.00 5.44 -8.15
CA ALA A 174 19.21 6.14 -7.77
C ALA A 174 18.91 7.24 -6.78
N PRO A 175 19.93 7.62 -5.97
CA PRO A 175 19.72 8.67 -4.97
C PRO A 175 19.35 9.96 -5.71
N PHE A 176 18.41 10.71 -5.14
CA PHE A 176 17.96 11.99 -5.71
C PHE A 176 17.78 12.83 -4.46
N THR A 177 18.78 13.67 -4.18
CA THR A 177 18.75 14.47 -2.96
C THR A 177 18.83 15.99 -3.13
N ASN A 178 18.60 16.66 -2.01
CA ASN A 178 18.67 18.11 -1.93
C ASN A 178 17.83 18.79 -2.99
N PHE A 179 16.52 18.53 -2.98
CA PHE A 179 15.60 19.11 -3.93
C PHE A 179 14.27 19.48 -3.27
N ASP A 180 13.81 20.70 -3.54
CA ASP A 180 12.54 21.21 -3.01
C ASP A 180 11.55 21.27 -4.18
N PRO A 181 10.56 20.36 -4.21
CA PRO A 181 9.58 20.38 -5.32
C PRO A 181 8.65 21.59 -5.40
N SER A 182 8.67 22.47 -4.41
CA SER A 182 7.83 23.67 -4.44
C SER A 182 8.34 24.60 -5.54
N THR A 183 9.58 24.37 -5.99
CA THR A 183 10.18 25.17 -7.04
C THR A 183 9.57 24.83 -8.41
N LEU A 184 8.78 23.76 -8.46
CA LEU A 184 8.15 23.34 -9.72
C LEU A 184 6.72 23.88 -9.85
N LEU A 185 6.19 24.39 -8.74
CA LEU A 185 4.84 24.93 -8.71
C LEU A 185 4.76 26.30 -9.40
N PRO A 186 3.57 26.66 -9.93
CA PRO A 186 3.42 27.96 -10.59
C PRO A 186 3.49 29.09 -9.57
N SER A 187 3.74 30.31 -10.03
CA SER A 187 3.86 31.47 -9.15
C SER A 187 2.61 31.71 -8.29
N SER A 188 1.44 31.49 -8.89
CA SER A 188 0.19 31.66 -8.18
C SER A 188 -0.37 30.30 -7.78
N LEU A 189 -0.89 30.20 -6.57
CA LEU A 189 -1.44 28.93 -6.11
C LEU A 189 -2.97 28.89 -6.06
N ASP A 190 -3.63 29.69 -6.90
CA ASP A 190 -5.09 29.65 -6.94
C ASP A 190 -5.39 28.22 -7.40
N PHE A 191 -6.46 27.64 -6.88
CA PHE A 191 -6.78 26.25 -7.22
C PHE A 191 -8.24 25.88 -7.27
N TRP A 192 -8.47 24.65 -7.72
CA TRP A 192 -9.78 24.03 -7.79
C TRP A 192 -9.56 22.80 -6.91
N THR A 193 -10.60 22.34 -6.23
CA THR A 193 -10.47 21.14 -5.41
C THR A 193 -11.74 20.31 -5.51
N TYR A 194 -11.57 18.99 -5.44
CA TYR A 194 -12.71 18.07 -5.50
C TYR A 194 -12.25 16.74 -4.93
N PRO A 195 -13.18 15.93 -4.43
CA PRO A 195 -12.82 14.62 -3.87
C PRO A 195 -12.66 13.62 -5.02
N GLY A 196 -11.50 12.97 -5.06
CA GLY A 196 -11.26 12.02 -6.14
C GLY A 196 -10.50 10.78 -5.75
N SER A 197 -9.67 10.31 -6.69
CA SER A 197 -8.92 9.08 -6.47
C SER A 197 -7.54 9.09 -7.10
N LEU A 198 -6.83 7.97 -6.94
CA LEU A 198 -5.54 7.77 -7.55
C LEU A 198 -5.93 7.62 -9.02
N THR A 199 -5.07 8.08 -9.94
CA THR A 199 -5.41 7.99 -11.35
C THR A 199 -5.00 6.70 -12.05
N HIS A 200 -4.49 5.75 -11.28
CA HIS A 200 -4.13 4.43 -11.81
C HIS A 200 -4.27 3.43 -10.67
N PRO A 201 -4.34 2.12 -11.00
CA PRO A 201 -4.47 1.07 -9.98
C PRO A 201 -3.51 1.29 -8.82
N PRO A 202 -3.96 1.04 -7.57
CA PRO A 202 -5.28 0.55 -7.12
C PRO A 202 -6.49 1.48 -7.23
N LEU A 203 -6.29 2.69 -7.75
CA LEU A 203 -7.39 3.63 -7.94
C LEU A 203 -8.22 3.98 -6.70
N TYR A 204 -7.62 3.92 -5.52
CA TYR A 204 -8.35 4.23 -4.29
C TYR A 204 -8.94 5.64 -4.31
N GLU A 205 -10.19 5.77 -3.87
CA GLU A 205 -10.85 7.07 -3.83
C GLU A 205 -10.52 7.70 -2.48
N SER A 206 -9.26 8.08 -2.34
CA SER A 206 -8.71 8.63 -1.11
C SER A 206 -7.97 9.95 -1.32
N VAL A 207 -8.16 10.57 -2.47
CA VAL A 207 -7.45 11.81 -2.78
C VAL A 207 -8.28 13.08 -2.81
N THR A 208 -7.81 14.10 -2.11
CA THR A 208 -8.46 15.41 -2.14
C THR A 208 -7.56 16.12 -3.14
N TRP A 209 -8.09 16.40 -4.32
CA TRP A 209 -7.27 17.04 -5.34
C TRP A 209 -7.16 18.55 -5.21
N ILE A 210 -5.99 19.07 -5.58
CA ILE A 210 -5.72 20.49 -5.57
C ILE A 210 -5.13 20.75 -6.96
N ILE A 211 -5.96 21.30 -7.86
CA ILE A 211 -5.53 21.58 -9.23
C ILE A 211 -5.25 23.06 -9.39
N CYS A 212 -4.01 23.40 -9.75
CA CYS A 212 -3.65 24.80 -9.93
C CYS A 212 -4.26 25.40 -11.17
N LYS A 213 -4.68 26.65 -11.05
CA LYS A 213 -5.29 27.39 -12.14
C LYS A 213 -4.23 27.76 -13.17
N GLU A 214 -3.06 28.17 -12.69
CA GLU A 214 -1.94 28.57 -13.53
C GLU A 214 -1.13 27.36 -13.98
N SER A 215 -0.75 27.33 -15.25
CA SER A 215 0.04 26.22 -15.77
C SER A 215 1.53 26.55 -15.67
N ILE A 216 2.39 25.57 -15.90
CA ILE A 216 3.83 25.79 -15.91
C ILE A 216 4.22 25.33 -17.31
N SER A 217 5.40 25.75 -17.79
N SER A 217 5.40 25.75 -17.79
CA SER A 217 5.83 25.37 -19.13
CA SER A 217 5.83 25.38 -19.12
C SER A 217 6.72 24.14 -19.15
C SER A 217 6.73 24.16 -19.15
N VAL A 218 6.90 23.60 -20.35
CA VAL A 218 7.74 22.43 -20.58
C VAL A 218 7.95 22.45 -22.09
N SER A 219 9.17 22.16 -22.56
CA SER A 219 9.44 22.18 -24.00
C SER A 219 9.17 20.84 -24.64
N SER A 220 9.09 20.84 -25.98
CA SER A 220 8.85 19.61 -26.72
C SER A 220 9.98 18.61 -26.47
N GLU A 221 11.19 19.13 -26.35
CA GLU A 221 12.36 18.29 -26.12
C GLU A 221 12.38 17.69 -24.71
N GLN A 222 11.90 18.45 -23.73
CA GLN A 222 11.85 17.95 -22.36
C GLN A 222 10.83 16.80 -22.28
N LEU A 223 9.71 16.95 -22.97
CA LEU A 223 8.70 15.90 -22.99
C LEU A 223 9.28 14.67 -23.67
N ALA A 224 10.12 14.88 -24.69
CA ALA A 224 10.75 13.77 -25.39
C ALA A 224 11.60 12.98 -24.42
N GLN A 225 12.19 13.66 -23.44
CA GLN A 225 13.02 12.99 -22.43
C GLN A 225 12.19 12.01 -21.59
N PHE A 226 10.97 12.39 -21.24
CA PHE A 226 10.09 11.50 -20.46
C PHE A 226 9.78 10.28 -21.31
N ARG A 227 9.45 10.53 -22.57
CA ARG A 227 9.10 9.45 -23.47
C ARG A 227 10.27 8.56 -23.87
N SER A 228 11.49 9.01 -23.57
CA SER A 228 12.67 8.22 -23.91
C SER A 228 13.00 7.22 -22.79
N LEU A 229 12.26 7.29 -21.69
CA LEU A 229 12.45 6.34 -20.58
C LEU A 229 11.94 5.01 -21.09
N LEU A 230 12.50 3.91 -20.60
CA LEU A 230 12.10 2.60 -21.06
C LEU A 230 11.29 1.83 -20.01
N SER A 231 10.26 1.13 -20.46
CA SER A 231 9.40 0.34 -19.58
C SER A 231 9.89 -1.09 -19.42
N ASN A 232 10.84 -1.50 -20.25
CA ASN A 232 11.40 -2.85 -20.19
C ASN A 232 12.56 -2.88 -19.20
N VAL A 233 12.98 -4.09 -18.83
CA VAL A 233 14.11 -4.26 -17.93
C VAL A 233 15.38 -4.27 -18.78
N GLU A 234 16.50 -3.89 -18.17
CA GLU A 234 17.77 -3.86 -18.87
C GLU A 234 18.05 -5.17 -19.63
N GLY A 235 18.47 -5.06 -20.89
CA GLY A 235 18.77 -6.26 -21.66
C GLY A 235 17.70 -6.65 -22.66
N ASP A 236 16.44 -6.33 -22.36
CA ASP A 236 15.35 -6.66 -23.28
C ASP A 236 15.20 -5.60 -24.36
N ASN A 237 14.36 -5.87 -25.36
CA ASN A 237 14.15 -4.90 -26.45
C ASN A 237 13.58 -3.65 -25.81
N ALA A 238 14.11 -2.49 -26.19
CA ALA A 238 13.65 -1.23 -25.63
C ALA A 238 12.17 -0.98 -25.93
N VAL A 239 11.44 -0.57 -24.92
CA VAL A 239 10.01 -0.27 -25.07
C VAL A 239 9.81 1.11 -24.42
N PRO A 240 9.87 2.18 -25.23
CA PRO A 240 9.70 3.54 -24.71
C PRO A 240 8.40 3.75 -23.96
N MET A 241 8.46 4.57 -22.91
CA MET A 241 7.31 4.92 -22.09
C MET A 241 6.58 6.04 -22.84
N GLN A 242 5.82 5.70 -23.86
CA GLN A 242 5.12 6.70 -24.66
C GLN A 242 4.08 7.57 -23.98
N HIS A 243 3.27 6.97 -23.10
CA HIS A 243 2.23 7.72 -22.41
C HIS A 243 1.80 7.01 -21.15
N ASN A 244 1.16 7.78 -20.25
CA ASN A 244 0.69 7.24 -18.99
C ASN A 244 -0.41 8.11 -18.39
N ASN A 245 -1.20 8.75 -19.23
CA ASN A 245 -2.28 9.59 -18.72
C ASN A 245 -3.63 8.89 -18.90
N ARG A 246 -4.45 8.93 -17.85
CA ARG A 246 -5.76 8.30 -17.88
C ARG A 246 -6.79 9.30 -18.40
N PRO A 247 -7.81 8.82 -19.14
CA PRO A 247 -8.85 9.70 -19.67
C PRO A 247 -9.65 10.28 -18.50
N THR A 248 -10.30 11.42 -18.70
CA THR A 248 -11.10 12.03 -17.63
C THR A 248 -12.33 11.17 -17.36
N GLN A 249 -12.75 11.14 -16.09
CA GLN A 249 -13.88 10.33 -15.66
C GLN A 249 -15.10 11.19 -15.27
N PRO A 250 -16.29 10.57 -15.19
CA PRO A 250 -17.55 11.25 -14.85
C PRO A 250 -17.55 11.84 -13.43
N LEU A 251 -18.02 13.08 -13.30
CA LEU A 251 -18.06 13.74 -12.00
C LEU A 251 -19.02 13.05 -11.02
N LYS A 252 -20.03 12.39 -11.55
CA LYS A 252 -21.02 11.69 -10.73
C LYS A 252 -21.60 12.59 -9.63
N GLY A 253 -21.93 13.83 -9.99
CA GLY A 253 -22.51 14.74 -9.01
C GLY A 253 -21.57 15.50 -8.11
N ARG A 254 -20.28 15.18 -8.16
CA ARG A 254 -19.31 15.87 -7.32
C ARG A 254 -19.23 17.33 -7.74
N THR A 255 -18.89 18.19 -6.78
CA THR A 255 -18.75 19.62 -7.07
C THR A 255 -17.30 20.06 -6.98
N VAL A 256 -16.83 20.74 -8.02
CA VAL A 256 -15.46 21.25 -8.04
C VAL A 256 -15.52 22.66 -7.47
N ARG A 257 -14.78 22.89 -6.40
CA ARG A 257 -14.75 24.21 -5.78
C ARG A 257 -13.56 25.01 -6.26
N ALA A 258 -13.71 26.33 -6.31
CA ALA A 258 -12.64 27.21 -6.75
C ALA A 258 -12.25 28.12 -5.59
N SER A 259 -10.95 28.35 -5.44
CA SER A 259 -10.46 29.21 -4.36
C SER A 259 -10.44 30.67 -4.82
N PHE A 260 -10.79 30.87 -6.09
CA PHE A 260 -10.79 32.21 -6.70
C PHE A 260 -12.13 32.55 -7.37
N ASP B 4 -16.33 -1.84 0.67
CA ASP B 4 -16.16 -2.26 2.09
C ASP B 4 -16.14 -3.79 2.21
N TRP B 5 -15.35 -4.29 3.15
CA TRP B 5 -15.23 -5.73 3.36
C TRP B 5 -15.10 -6.08 4.85
N GLY B 6 -15.45 -7.31 5.17
CA GLY B 6 -15.35 -7.77 6.54
C GLY B 6 -15.38 -9.28 6.58
N TYR B 7 -15.87 -9.82 7.70
CA TYR B 7 -15.96 -11.26 7.89
C TYR B 7 -17.38 -11.75 8.16
N ASP B 8 -18.34 -10.83 8.15
CA ASP B 8 -19.73 -11.24 8.38
C ASP B 8 -20.34 -11.78 7.09
N ASP B 9 -21.62 -12.11 7.13
CA ASP B 9 -22.30 -12.67 5.96
C ASP B 9 -22.39 -11.71 4.76
N LYS B 10 -22.76 -10.45 5.03
CA LYS B 10 -22.91 -9.46 3.96
C LYS B 10 -21.63 -9.00 3.26
N ASN B 11 -20.52 -8.97 4.00
CA ASN B 11 -19.25 -8.51 3.43
C ASN B 11 -18.08 -9.48 3.65
N GLY B 12 -18.40 -10.73 3.96
CA GLY B 12 -17.38 -11.73 4.22
C GLY B 12 -16.62 -12.31 3.05
N PRO B 13 -15.67 -13.22 3.32
CA PRO B 13 -14.82 -13.91 2.34
C PRO B 13 -15.55 -14.43 1.10
N GLU B 14 -16.76 -14.94 1.29
CA GLU B 14 -17.51 -15.49 0.17
C GLU B 14 -17.87 -14.51 -0.92
N GLN B 15 -17.91 -13.22 -0.59
CA GLN B 15 -18.25 -12.25 -1.61
C GLN B 15 -17.19 -11.16 -1.84
N TRP B 16 -15.99 -11.39 -1.32
CA TRP B 16 -14.89 -10.45 -1.50
C TRP B 16 -14.56 -10.27 -2.99
N SER B 17 -14.79 -11.32 -3.79
CA SER B 17 -14.48 -11.25 -5.22
C SER B 17 -15.23 -10.14 -5.96
N LYS B 18 -16.36 -9.68 -5.40
CA LYS B 18 -17.14 -8.62 -6.05
C LYS B 18 -16.32 -7.33 -6.16
N LEU B 19 -15.66 -6.94 -5.07
CA LEU B 19 -14.84 -5.74 -5.04
C LEU B 19 -13.38 -6.04 -5.31
N TYR B 20 -12.97 -7.28 -5.07
CA TYR B 20 -11.58 -7.70 -5.28
C TYR B 20 -11.55 -9.00 -6.08
N PRO B 21 -11.67 -8.91 -7.42
CA PRO B 21 -11.66 -10.06 -8.33
C PRO B 21 -10.52 -11.05 -8.11
N ILE B 22 -9.37 -10.58 -7.62
CA ILE B 22 -8.23 -11.46 -7.39
C ILE B 22 -8.54 -12.53 -6.34
N ALA B 23 -9.63 -12.36 -5.61
CA ALA B 23 -10.03 -13.32 -4.59
C ALA B 23 -10.19 -14.72 -5.17
N ASN B 24 -10.49 -14.78 -6.47
CA ASN B 24 -10.67 -16.06 -7.18
C ASN B 24 -9.43 -16.42 -7.98
N GLY B 25 -8.31 -15.82 -7.62
CA GLY B 25 -7.05 -16.06 -8.31
C GLY B 25 -6.44 -17.44 -8.11
N ASN B 26 -5.29 -17.67 -8.73
CA ASN B 26 -4.60 -18.94 -8.67
C ASN B 26 -3.55 -19.08 -7.58
N ASN B 27 -3.31 -18.00 -6.85
CA ASN B 27 -2.31 -18.02 -5.79
C ASN B 27 -2.88 -17.42 -4.51
N GLN B 28 -4.12 -17.80 -4.18
CA GLN B 28 -4.79 -17.30 -2.99
C GLN B 28 -4.44 -18.07 -1.72
N SER B 29 -4.47 -17.36 -0.58
CA SER B 29 -4.18 -17.96 0.73
C SER B 29 -5.35 -17.65 1.66
N PRO B 30 -5.50 -18.44 2.75
CA PRO B 30 -4.64 -19.56 3.13
C PRO B 30 -4.99 -20.83 2.34
N VAL B 31 -4.27 -21.91 2.63
CA VAL B 31 -4.50 -23.19 1.98
C VAL B 31 -4.37 -24.31 3.02
N ASP B 32 -4.85 -25.48 2.67
CA ASP B 32 -4.72 -26.62 3.56
C ASP B 32 -3.40 -27.26 3.17
N ILE B 33 -2.63 -27.71 4.14
CA ILE B 33 -1.37 -28.36 3.84
C ILE B 33 -1.56 -29.86 4.01
N LYS B 34 -1.57 -30.58 2.90
CA LYS B 34 -1.70 -32.03 2.90
C LYS B 34 -0.29 -32.57 2.99
N THR B 35 0.09 -33.05 4.18
CA THR B 35 1.43 -33.56 4.40
C THR B 35 1.87 -34.64 3.42
N SER B 36 0.94 -35.49 3.02
CA SER B 36 1.27 -36.58 2.08
C SER B 36 1.62 -36.04 0.70
N GLU B 37 1.26 -34.78 0.43
CA GLU B 37 1.53 -34.17 -0.87
C GLU B 37 2.66 -33.13 -0.88
N THR B 38 3.25 -32.84 0.28
CA THR B 38 4.34 -31.87 0.30
C THR B 38 5.60 -32.49 -0.31
N LYS B 39 6.45 -31.66 -0.87
CA LYS B 39 7.69 -32.15 -1.49
C LYS B 39 8.91 -31.57 -0.76
N HIS B 40 9.84 -32.43 -0.39
CA HIS B 40 11.03 -31.95 0.29
C HIS B 40 12.01 -31.36 -0.72
N ASP B 41 12.39 -30.12 -0.48
CA ASP B 41 13.30 -29.39 -1.34
C ASP B 41 14.63 -29.19 -0.59
N THR B 42 15.71 -29.79 -1.10
CA THR B 42 17.02 -29.69 -0.47
C THR B 42 17.62 -28.29 -0.55
N SER B 43 17.06 -27.45 -1.42
CA SER B 43 17.57 -26.09 -1.56
C SER B 43 17.01 -25.13 -0.49
N LEU B 44 16.12 -25.64 0.36
CA LEU B 44 15.54 -24.81 1.41
C LEU B 44 16.45 -24.71 2.62
N LYS B 45 17.00 -23.52 2.85
CA LYS B 45 17.89 -23.30 3.99
C LYS B 45 17.07 -23.05 5.25
N PRO B 46 17.72 -23.17 6.42
CA PRO B 46 16.99 -22.94 7.66
C PRO B 46 16.56 -21.48 7.71
N ILE B 47 15.45 -21.20 8.38
CA ILE B 47 14.95 -19.85 8.52
C ILE B 47 15.77 -19.11 9.56
N SER B 48 16.12 -17.87 9.26
CA SER B 48 16.90 -17.06 10.17
C SER B 48 16.19 -15.74 10.48
N VAL B 49 15.81 -15.54 11.72
CA VAL B 49 15.16 -14.30 12.11
C VAL B 49 16.02 -13.57 13.12
N SER B 50 16.41 -12.34 12.77
CA SER B 50 17.22 -11.51 13.65
C SER B 50 16.52 -10.16 13.75
N TYR B 51 15.62 -10.04 14.72
CA TYR B 51 14.88 -8.81 14.90
C TYR B 51 15.50 -7.94 15.99
N ASN B 52 15.37 -6.63 15.82
CA ASN B 52 15.89 -5.66 16.78
C ASN B 52 14.67 -5.18 17.57
N PRO B 53 14.62 -5.49 18.88
CA PRO B 53 13.49 -5.08 19.71
C PRO B 53 13.15 -3.58 19.67
N ALA B 54 14.11 -2.77 19.24
CA ALA B 54 13.93 -1.32 19.16
C ALA B 54 13.10 -0.87 17.95
N THR B 55 12.79 -1.80 17.05
CA THR B 55 12.01 -1.44 15.87
C THR B 55 10.52 -1.49 16.18
N ALA B 56 10.14 -2.07 17.32
CA ALA B 56 8.74 -2.15 17.71
C ALA B 56 8.25 -0.71 17.80
N LYS B 57 7.08 -0.43 17.22
CA LYS B 57 6.60 0.93 17.22
C LYS B 57 5.21 1.22 17.76
N GLU B 58 4.18 0.64 17.14
CA GLU B 58 2.81 0.95 17.55
C GLU B 58 1.83 -0.19 17.40
N ILE B 59 0.86 -0.24 18.31
CA ILE B 59 -0.19 -1.25 18.24
C ILE B 59 -1.44 -0.47 17.85
N ILE B 60 -2.23 -1.03 16.93
CA ILE B 60 -3.41 -0.34 16.43
C ILE B 60 -4.61 -1.25 16.15
N ASN B 61 -5.80 -0.76 16.48
CA ASN B 61 -7.05 -1.48 16.24
C ASN B 61 -7.48 -1.11 14.83
N VAL B 62 -7.50 -2.08 13.91
CA VAL B 62 -7.89 -1.81 12.53
C VAL B 62 -9.32 -2.27 12.19
N GLY B 63 -10.16 -2.38 13.23
CA GLY B 63 -11.54 -2.77 13.02
C GLY B 63 -11.83 -4.26 12.94
N HIS B 64 -11.15 -4.97 12.04
CA HIS B 64 -11.37 -6.39 11.87
C HIS B 64 -10.34 -7.21 12.64
N SER B 65 -9.32 -6.52 13.15
N SER B 65 -9.30 -6.52 13.13
CA SER B 65 -8.26 -7.15 13.93
CA SER B 65 -8.22 -7.15 13.86
C SER B 65 -7.40 -6.03 14.53
C SER B 65 -7.39 -6.04 14.48
N PHE B 66 -6.20 -6.39 14.97
CA PHE B 66 -5.30 -5.40 15.55
C PHE B 66 -3.91 -5.74 15.02
N HIS B 67 -3.09 -4.73 14.81
CA HIS B 67 -1.75 -4.94 14.28
C HIS B 67 -0.68 -4.33 15.18
N VAL B 68 0.49 -4.94 15.20
CA VAL B 68 1.62 -4.40 15.94
C VAL B 68 2.61 -4.09 14.82
N ASN B 69 2.82 -2.80 14.59
CA ASN B 69 3.71 -2.34 13.53
C ASN B 69 5.10 -1.96 14.00
N PHE B 70 6.07 -2.13 13.10
CA PHE B 70 7.48 -1.85 13.38
C PHE B 70 8.04 -0.80 12.44
N GLU B 71 9.09 -0.10 12.88
CA GLU B 71 9.74 0.89 12.02
C GLU B 71 10.42 0.07 10.93
N ASP B 72 10.18 0.41 9.67
CA ASP B 72 10.78 -0.34 8.56
C ASP B 72 11.53 0.56 7.59
N ASN B 73 12.26 1.54 8.12
CA ASN B 73 13.01 2.44 7.25
C ASN B 73 14.40 1.88 6.94
N ASP B 74 14.83 0.89 7.72
CA ASP B 74 16.11 0.25 7.50
C ASP B 74 16.02 -1.27 7.78
N ASN B 75 17.13 -1.98 7.58
CA ASN B 75 17.17 -3.42 7.79
C ASN B 75 17.65 -3.89 9.16
N ARG B 76 17.25 -3.21 10.23
CA ARG B 76 17.65 -3.62 11.57
C ARG B 76 16.99 -4.94 11.95
N SER B 77 15.79 -5.17 11.45
CA SER B 77 15.05 -6.40 11.74
C SER B 77 14.76 -7.09 10.42
N VAL B 78 15.34 -8.28 10.22
CA VAL B 78 15.15 -8.97 8.97
C VAL B 78 15.00 -10.48 9.05
N LEU B 79 14.38 -11.03 8.01
CA LEU B 79 14.18 -12.46 7.85
C LEU B 79 15.06 -12.86 6.67
N LYS B 80 15.76 -13.98 6.81
CA LYS B 80 16.63 -14.48 5.74
C LYS B 80 16.63 -16.00 5.80
N GLY B 81 17.19 -16.64 4.77
CA GLY B 81 17.23 -18.08 4.74
C GLY B 81 16.01 -18.68 4.06
N GLY B 82 15.71 -19.93 4.38
CA GLY B 82 14.57 -20.58 3.79
C GLY B 82 14.63 -20.56 2.27
N PRO B 83 13.56 -20.13 1.60
CA PRO B 83 13.53 -20.08 0.13
C PRO B 83 14.05 -18.76 -0.44
N PHE B 84 14.53 -17.88 0.44
CA PHE B 84 15.00 -16.56 0.01
C PHE B 84 16.50 -16.46 -0.23
N SER B 85 16.87 -15.61 -1.18
CA SER B 85 18.28 -15.40 -1.48
C SER B 85 18.69 -14.03 -0.90
N ASP B 86 17.68 -13.21 -0.60
CA ASP B 86 17.92 -11.90 -0.02
C ASP B 86 17.08 -11.74 1.26
N SER B 87 17.41 -10.73 2.05
CA SER B 87 16.71 -10.48 3.31
C SER B 87 15.40 -9.71 3.14
N TYR B 88 14.45 -9.99 4.03
CA TYR B 88 13.15 -9.32 4.01
C TYR B 88 13.03 -8.53 5.31
N ARG B 89 12.51 -7.31 5.21
CA ARG B 89 12.38 -6.43 6.36
C ARG B 89 11.06 -6.58 7.11
N LEU B 90 11.15 -6.79 8.41
CA LEU B 90 9.99 -6.95 9.28
C LEU B 90 9.19 -5.64 9.37
N PHE B 91 7.86 -5.73 9.25
CA PHE B 91 7.08 -4.51 9.38
C PHE B 91 5.83 -4.67 10.24
N GLN B 92 5.44 -5.90 10.56
CA GLN B 92 4.24 -6.11 11.35
C GLN B 92 3.98 -7.56 11.75
N PHE B 93 3.15 -7.74 12.78
CA PHE B 93 2.71 -9.06 13.18
C PHE B 93 1.30 -8.88 13.72
N HIS B 94 0.46 -9.89 13.55
CA HIS B 94 -0.92 -9.83 14.01
C HIS B 94 -1.43 -11.26 14.15
N PHE B 95 -2.68 -11.41 14.55
CA PHE B 95 -3.27 -12.72 14.71
C PHE B 95 -4.60 -12.85 13.99
N HIS B 96 -5.07 -14.10 13.90
CA HIS B 96 -6.35 -14.45 13.32
C HIS B 96 -6.96 -15.42 14.30
N TRP B 97 -8.26 -15.31 14.53
CA TRP B 97 -8.97 -16.19 15.44
C TRP B 97 -10.39 -16.42 14.94
N GLY B 98 -11.08 -17.38 15.58
CA GLY B 98 -12.44 -17.70 15.20
C GLY B 98 -13.44 -17.47 16.31
N SER B 99 -14.70 -17.73 16.01
CA SER B 99 -15.78 -17.54 16.98
C SER B 99 -15.66 -18.44 18.20
N THR B 100 -15.12 -19.63 17.99
CA THR B 100 -14.94 -20.59 19.08
C THR B 100 -13.50 -21.06 19.06
N ASN B 101 -13.11 -21.85 20.05
CA ASN B 101 -11.74 -22.36 20.11
C ASN B 101 -11.54 -23.52 19.13
N GLU B 102 -12.64 -24.08 18.62
CA GLU B 102 -12.56 -25.21 17.68
C GLU B 102 -12.07 -24.83 16.28
N HIS B 103 -12.09 -23.53 15.99
CA HIS B 103 -11.67 -23.05 14.70
C HIS B 103 -11.19 -21.61 14.87
N GLY B 104 -10.19 -21.21 14.11
CA GLY B 104 -9.71 -19.87 14.24
C GLY B 104 -8.49 -19.62 13.39
N SER B 105 -7.75 -20.69 13.07
CA SER B 105 -6.56 -20.54 12.25
C SER B 105 -7.00 -20.31 10.80
N GLU B 106 -6.05 -19.89 9.97
CA GLU B 106 -6.35 -19.69 8.56
C GLU B 106 -5.83 -20.89 7.81
N HIS B 107 -4.55 -21.21 7.98
CA HIS B 107 -4.02 -22.39 7.33
C HIS B 107 -4.46 -23.61 8.13
N THR B 108 -4.55 -24.75 7.46
CA THR B 108 -4.93 -26.00 8.12
C THR B 108 -3.92 -27.06 7.70
N VAL B 109 -3.77 -28.11 8.50
CA VAL B 109 -2.84 -29.17 8.19
C VAL B 109 -3.62 -30.48 8.13
N ASP B 110 -3.66 -31.07 6.95
CA ASP B 110 -4.41 -32.30 6.71
C ASP B 110 -5.86 -32.14 7.13
N GLY B 111 -6.41 -30.95 6.85
CA GLY B 111 -7.80 -30.67 7.16
C GLY B 111 -8.09 -30.21 8.56
N VAL B 112 -7.12 -30.32 9.46
CA VAL B 112 -7.31 -29.91 10.85
C VAL B 112 -7.10 -28.42 11.05
N LYS B 113 -8.11 -27.77 11.63
CA LYS B 113 -8.01 -26.34 11.89
C LYS B 113 -7.63 -26.11 13.35
N TYR B 114 -6.78 -25.12 13.59
CA TYR B 114 -6.34 -24.79 14.94
C TYR B 114 -7.18 -23.65 15.50
N SER B 115 -6.88 -23.25 16.74
CA SER B 115 -7.63 -22.19 17.41
C SER B 115 -7.35 -20.76 16.95
N ALA B 116 -6.13 -20.51 16.51
CA ALA B 116 -5.76 -19.17 16.07
C ALA B 116 -4.49 -19.28 15.25
N GLU B 117 -4.02 -18.15 14.73
CA GLU B 117 -2.79 -18.16 13.95
C GLU B 117 -2.07 -16.82 14.06
N LEU B 118 -0.75 -16.90 14.14
CA LEU B 118 0.10 -15.73 14.25
C LEU B 118 0.73 -15.47 12.88
N HIS B 119 0.79 -14.21 12.49
CA HIS B 119 1.40 -13.84 11.21
C HIS B 119 2.45 -12.76 11.44
N VAL B 120 3.66 -13.01 10.97
CA VAL B 120 4.77 -12.07 11.09
C VAL B 120 5.13 -11.73 9.65
N ALA B 121 4.80 -10.51 9.25
CA ALA B 121 5.02 -10.04 7.88
C ALA B 121 6.29 -9.23 7.63
N HIS B 122 6.86 -9.42 6.44
CA HIS B 122 8.09 -8.74 6.01
C HIS B 122 8.00 -8.34 4.54
N TRP B 123 8.79 -7.36 4.12
CA TRP B 123 8.79 -6.97 2.70
C TRP B 123 10.22 -6.97 2.13
N ASN B 124 10.31 -7.23 0.84
CA ASN B 124 11.59 -7.30 0.12
C ASN B 124 12.30 -5.95 -0.05
N SER B 125 13.17 -5.62 0.90
CA SER B 125 13.90 -4.36 0.86
C SER B 125 15.14 -4.41 -0.03
N ALA B 126 15.45 -5.60 -0.55
CA ALA B 126 16.62 -5.76 -1.42
C ALA B 126 16.30 -5.37 -2.85
N LYS B 127 15.05 -5.60 -3.25
CA LYS B 127 14.60 -5.31 -4.61
C LYS B 127 13.71 -4.07 -4.67
N TYR B 128 13.03 -3.76 -3.57
CA TYR B 128 12.13 -2.61 -3.53
C TYR B 128 12.51 -1.61 -2.46
N SER B 129 11.98 -0.39 -2.57
CA SER B 129 12.29 0.67 -1.62
C SER B 129 11.25 0.95 -0.53
N SER B 130 10.07 0.35 -0.66
CA SER B 130 9.03 0.56 0.33
C SER B 130 8.00 -0.55 0.32
N LEU B 131 7.20 -0.61 1.38
CA LEU B 131 6.15 -1.61 1.50
C LEU B 131 5.12 -1.37 0.41
N ALA B 132 4.82 -0.10 0.16
CA ALA B 132 3.85 0.30 -0.85
C ALA B 132 4.22 -0.24 -2.23
N GLU B 133 5.51 -0.23 -2.54
CA GLU B 133 6.01 -0.73 -3.82
C GLU B 133 6.07 -2.25 -3.86
N ALA B 134 6.55 -2.85 -2.77
CA ALA B 134 6.68 -4.31 -2.69
C ALA B 134 5.38 -5.09 -2.52
N ALA B 135 4.40 -4.48 -1.87
CA ALA B 135 3.11 -5.13 -1.59
C ALA B 135 2.37 -5.79 -2.76
N SER B 136 2.56 -5.26 -3.98
CA SER B 136 1.87 -5.82 -5.13
C SER B 136 2.74 -6.68 -6.04
N LYS B 137 3.99 -6.91 -5.63
CA LYS B 137 4.94 -7.69 -6.41
C LYS B 137 4.97 -9.17 -5.97
N ALA B 138 5.07 -10.07 -6.94
CA ALA B 138 5.09 -11.52 -6.65
C ALA B 138 6.11 -11.92 -5.58
N ASP B 139 7.27 -11.28 -5.61
CA ASP B 139 8.33 -11.57 -4.65
C ASP B 139 8.46 -10.43 -3.63
N GLY B 140 7.37 -9.70 -3.44
CA GLY B 140 7.40 -8.57 -2.53
C GLY B 140 7.29 -8.82 -1.05
N LEU B 141 6.46 -9.79 -0.65
CA LEU B 141 6.25 -10.06 0.77
C LEU B 141 6.60 -11.47 1.23
N ALA B 142 6.87 -11.59 2.52
CA ALA B 142 7.20 -12.86 3.16
C ALA B 142 6.50 -12.87 4.52
N VAL B 143 5.64 -13.86 4.75
CA VAL B 143 4.93 -13.94 6.02
C VAL B 143 5.13 -15.29 6.67
N ILE B 144 5.49 -15.26 7.96
CA ILE B 144 5.68 -16.48 8.72
C ILE B 144 4.36 -16.74 9.43
N GLY B 145 3.85 -17.97 9.31
CA GLY B 145 2.61 -18.31 9.97
C GLY B 145 2.85 -19.34 11.06
N VAL B 146 2.26 -19.12 12.23
CA VAL B 146 2.40 -20.05 13.33
C VAL B 146 1.02 -20.43 13.85
N LEU B 147 0.73 -21.73 13.82
CA LEU B 147 -0.56 -22.24 14.28
C LEU B 147 -0.57 -22.22 15.80
N MET B 148 -1.69 -21.78 16.37
CA MET B 148 -1.85 -21.70 17.81
C MET B 148 -2.90 -22.69 18.27
N LYS B 149 -2.49 -23.61 19.14
CA LYS B 149 -3.37 -24.64 19.66
C LYS B 149 -3.84 -24.29 21.08
N VAL B 150 -5.16 -24.30 21.28
CA VAL B 150 -5.70 -23.96 22.60
C VAL B 150 -5.21 -24.96 23.63
N GLY B 151 -4.81 -24.43 24.79
CA GLY B 151 -4.30 -25.27 25.87
C GLY B 151 -3.85 -24.37 26.99
N GLU B 152 -2.61 -24.53 27.43
CA GLU B 152 -2.09 -23.69 28.51
C GLU B 152 -1.88 -22.26 28.06
N ALA B 153 -2.02 -21.34 29.01
CA ALA B 153 -1.83 -19.93 28.72
C ALA B 153 -0.40 -19.74 28.24
N ASN B 154 -0.22 -18.89 27.22
CA ASN B 154 1.09 -18.62 26.68
C ASN B 154 1.58 -17.31 27.26
N PRO B 155 2.55 -17.37 28.19
CA PRO B 155 3.07 -16.15 28.79
C PRO B 155 3.75 -15.17 27.82
N LYS B 156 4.20 -15.67 26.67
CA LYS B 156 4.86 -14.83 25.66
C LYS B 156 3.90 -13.80 25.05
N LEU B 157 2.60 -14.06 25.17
CA LEU B 157 1.58 -13.17 24.64
C LEU B 157 1.22 -12.03 25.59
N GLN B 158 1.71 -12.11 26.83
CA GLN B 158 1.46 -11.13 27.87
C GLN B 158 1.48 -9.65 27.47
N LYS B 159 2.63 -9.18 27.00
CA LYS B 159 2.75 -7.78 26.61
C LYS B 159 1.68 -7.38 25.60
N VAL B 160 1.48 -8.20 24.58
CA VAL B 160 0.47 -7.89 23.57
C VAL B 160 -0.94 -7.82 24.18
N LEU B 161 -1.30 -8.82 24.97
CA LEU B 161 -2.61 -8.87 25.60
C LEU B 161 -2.87 -7.73 26.56
N ASP B 162 -1.83 -7.32 27.29
CA ASP B 162 -1.98 -6.22 28.25
C ASP B 162 -2.18 -4.88 27.53
N ALA B 163 -1.66 -4.78 26.30
CA ALA B 163 -1.77 -3.55 25.52
C ALA B 163 -3.15 -3.34 24.89
N LEU B 164 -3.94 -4.40 24.81
CA LEU B 164 -5.25 -4.31 24.18
C LEU B 164 -6.24 -3.34 24.84
N GLN B 165 -6.15 -3.16 26.14
CA GLN B 165 -7.09 -2.26 26.82
C GLN B 165 -6.98 -0.81 26.38
N ALA B 166 -5.86 -0.47 25.73
CA ALA B 166 -5.63 0.89 25.25
C ALA B 166 -6.07 1.12 23.80
N ILE B 167 -6.48 0.05 23.12
CA ILE B 167 -6.93 0.17 21.74
C ILE B 167 -8.20 -0.64 21.53
N LYS B 168 -9.15 -0.49 22.45
CA LYS B 168 -10.40 -1.24 22.39
C LYS B 168 -11.26 -1.03 21.16
N THR B 169 -11.32 0.21 20.67
CA THR B 169 -12.15 0.51 19.52
C THR B 169 -11.38 0.85 18.24
N LYS B 170 -12.04 0.67 17.10
CA LYS B 170 -11.46 0.91 15.79
C LYS B 170 -10.81 2.28 15.63
N GLY B 171 -9.57 2.28 15.15
CA GLY B 171 -8.86 3.53 14.94
C GLY B 171 -7.91 3.89 16.07
N LYS B 172 -8.15 3.36 17.27
CA LYS B 172 -7.26 3.69 18.38
C LYS B 172 -5.90 3.03 18.20
N ARG B 173 -4.86 3.72 18.65
CA ARG B 173 -3.50 3.20 18.54
C ARG B 173 -2.71 3.67 19.74
N ALA B 174 -1.63 2.95 20.05
CA ALA B 174 -0.80 3.30 21.19
C ALA B 174 0.63 2.87 20.95
N PRO B 175 1.60 3.52 21.60
CA PRO B 175 2.99 3.13 21.40
C PRO B 175 3.15 1.69 21.91
N PHE B 176 3.98 0.91 21.22
CA PHE B 176 4.26 -0.47 21.59
C PHE B 176 5.74 -0.59 21.24
N THR B 177 6.58 -0.51 22.27
CA THR B 177 8.03 -0.54 22.05
C THR B 177 8.77 -1.66 22.75
N ASN B 178 10.05 -1.80 22.36
CA ASN B 178 10.94 -2.79 22.93
C ASN B 178 10.33 -4.19 22.97
N PHE B 179 10.12 -4.77 21.78
CA PHE B 179 9.56 -6.11 21.68
C PHE B 179 10.12 -6.85 20.47
N ASP B 180 10.61 -8.06 20.71
CA ASP B 180 11.17 -8.92 19.67
C ASP B 180 10.13 -9.99 19.39
N PRO B 181 9.42 -9.91 18.24
CA PRO B 181 8.41 -10.91 17.93
C PRO B 181 8.90 -12.35 17.73
N SER B 182 10.21 -12.54 17.58
CA SER B 182 10.73 -13.89 17.41
C SER B 182 10.53 -14.70 18.70
N THR B 183 10.22 -14.01 19.80
CA THR B 183 9.97 -14.67 21.08
C THR B 183 8.63 -15.42 21.03
N LEU B 184 7.84 -15.13 20.00
CA LEU B 184 6.53 -15.75 19.84
C LEU B 184 6.60 -17.02 18.98
N LEU B 185 7.71 -17.21 18.28
CA LEU B 185 7.89 -18.37 17.41
C LEU B 185 8.15 -19.65 18.20
N PRO B 186 7.86 -20.81 17.61
CA PRO B 186 8.10 -22.07 18.30
C PRO B 186 9.61 -22.34 18.37
N SER B 187 10.02 -23.27 19.22
CA SER B 187 11.44 -23.59 19.38
C SER B 187 12.05 -24.06 18.05
N SER B 188 11.37 -24.97 17.37
CA SER B 188 11.84 -25.49 16.08
C SER B 188 11.26 -24.66 14.95
N LEU B 189 12.09 -24.37 13.95
CA LEU B 189 11.63 -23.58 12.82
C LEU B 189 11.48 -24.38 11.53
N ASP B 190 11.24 -25.69 11.66
CA ASP B 190 11.02 -26.52 10.47
C ASP B 190 9.79 -25.88 9.84
N PHE B 191 9.72 -25.86 8.51
CA PHE B 191 8.60 -25.20 7.86
C PHE B 191 8.18 -25.75 6.52
N TRP B 192 7.03 -25.25 6.05
CA TRP B 192 6.48 -25.56 4.74
C TRP B 192 6.45 -24.18 4.07
N THR B 193 6.51 -24.16 2.76
CA THR B 193 6.46 -22.89 2.04
C THR B 193 5.76 -23.07 0.69
N TYR B 194 5.03 -22.04 0.28
CA TYR B 194 4.33 -22.05 -0.99
C TYR B 194 4.07 -20.60 -1.38
N PRO B 195 3.83 -20.34 -2.67
CA PRO B 195 3.56 -18.98 -3.14
C PRO B 195 2.08 -18.68 -2.95
N GLY B 196 1.78 -17.59 -2.24
CA GLY B 196 0.40 -17.24 -1.98
C GLY B 196 0.06 -15.76 -2.01
N SER B 197 -0.90 -15.38 -1.18
CA SER B 197 -1.38 -14.00 -1.13
C SER B 197 -1.67 -13.53 0.29
N LEU B 198 -2.11 -12.28 0.37
CA LEU B 198 -2.53 -11.70 1.63
C LEU B 198 -3.85 -12.44 1.84
N THR B 199 -4.21 -12.74 3.09
CA THR B 199 -5.45 -13.46 3.36
C THR B 199 -6.71 -12.60 3.46
N HIS B 200 -6.58 -11.30 3.25
CA HIS B 200 -7.74 -10.41 3.24
C HIS B 200 -7.42 -9.28 2.28
N PRO B 201 -8.45 -8.54 1.83
CA PRO B 201 -8.22 -7.42 0.90
C PRO B 201 -7.04 -6.56 1.36
N PRO B 202 -6.22 -6.05 0.41
CA PRO B 202 -6.26 -6.19 -1.06
C PRO B 202 -6.00 -7.55 -1.71
N LEU B 203 -5.70 -8.57 -0.91
CA LEU B 203 -5.49 -9.93 -1.42
C LEU B 203 -4.38 -10.10 -2.47
N TYR B 204 -3.41 -9.20 -2.50
CA TYR B 204 -2.32 -9.29 -3.46
C TYR B 204 -1.63 -10.65 -3.40
N GLU B 205 -1.38 -11.25 -4.56
CA GLU B 205 -0.70 -12.54 -4.61
C GLU B 205 0.80 -12.25 -4.66
N SER B 206 1.28 -11.67 -3.56
CA SER B 206 2.67 -11.23 -3.42
C SER B 206 3.38 -11.85 -2.23
N VAL B 207 2.78 -12.87 -1.62
CA VAL B 207 3.38 -13.46 -0.44
C VAL B 207 4.01 -14.83 -0.57
N THR B 208 5.24 -14.96 -0.06
CA THR B 208 5.93 -16.24 -0.01
C THR B 208 5.66 -16.64 1.42
N TRP B 209 4.83 -17.67 1.60
CA TRP B 209 4.48 -18.14 2.94
C TRP B 209 5.48 -19.10 3.56
N ILE B 210 5.68 -18.94 4.86
CA ILE B 210 6.55 -19.81 5.65
C ILE B 210 5.67 -20.26 6.80
N ILE B 211 5.18 -21.49 6.74
CA ILE B 211 4.33 -22.03 7.79
C ILE B 211 5.12 -22.97 8.67
N CYS B 212 5.22 -22.64 9.95
CA CYS B 212 5.97 -23.46 10.87
C CYS B 212 5.26 -24.79 11.11
N LYS B 213 6.05 -25.87 11.17
CA LYS B 213 5.48 -27.18 11.40
C LYS B 213 5.02 -27.29 12.85
N GLU B 214 5.74 -26.65 13.77
CA GLU B 214 5.41 -26.69 15.18
C GLU B 214 4.48 -25.56 15.58
N SER B 215 3.54 -25.85 16.48
CA SER B 215 2.57 -24.86 16.94
C SER B 215 2.98 -24.27 18.30
N ILE B 216 2.27 -23.22 18.72
CA ILE B 216 2.50 -22.58 20.01
C ILE B 216 1.14 -22.66 20.71
N SER B 217 1.14 -22.52 22.03
N SER B 217 1.14 -22.52 22.03
CA SER B 217 -0.13 -22.60 22.77
CA SER B 217 -0.11 -22.61 22.79
C SER B 217 -0.78 -21.24 23.00
C SER B 217 -0.77 -21.24 23.03
N VAL B 218 -2.01 -21.28 23.50
CA VAL B 218 -2.78 -20.08 23.82
C VAL B 218 -3.94 -20.61 24.65
N SER B 219 -4.35 -19.87 25.68
CA SER B 219 -5.46 -20.35 26.51
C SER B 219 -6.81 -19.83 26.04
N SER B 220 -7.87 -20.46 26.52
N SER B 220 -7.87 -20.46 26.52
N SER B 220 -7.87 -20.48 26.51
CA SER B 220 -9.22 -20.08 26.15
CA SER B 220 -9.22 -20.09 26.15
CA SER B 220 -9.22 -20.09 26.15
C SER B 220 -9.49 -18.64 26.57
C SER B 220 -9.49 -18.64 26.57
C SER B 220 -9.50 -18.65 26.57
N GLU B 221 -8.94 -18.24 27.71
CA GLU B 221 -9.14 -16.87 28.22
C GLU B 221 -8.35 -15.86 27.39
N GLN B 222 -7.17 -16.25 26.90
CA GLN B 222 -6.38 -15.34 26.09
C GLN B 222 -7.10 -15.11 24.76
N LEU B 223 -7.73 -16.16 24.23
CA LEU B 223 -8.47 -16.01 22.98
C LEU B 223 -9.68 -15.08 23.21
N ALA B 224 -10.30 -15.20 24.37
CA ALA B 224 -11.44 -14.36 24.72
C ALA B 224 -11.03 -12.90 24.70
N GLN B 225 -9.78 -12.64 25.07
CA GLN B 225 -9.26 -11.28 25.06
C GLN B 225 -9.24 -10.71 23.64
N PHE B 226 -8.85 -11.55 22.67
CA PHE B 226 -8.85 -11.11 21.28
C PHE B 226 -10.27 -10.73 20.88
N ARG B 227 -11.22 -11.61 21.22
CA ARG B 227 -12.61 -11.38 20.87
C ARG B 227 -13.28 -10.26 21.64
N SER B 228 -12.61 -9.75 22.67
CA SER B 228 -13.19 -8.67 23.45
C SER B 228 -12.87 -7.33 22.78
N LEU B 229 -11.99 -7.34 21.78
CA LEU B 229 -11.67 -6.11 21.06
C LEU B 229 -12.93 -5.72 20.29
N LEU B 230 -13.13 -4.43 20.07
CA LEU B 230 -14.33 -3.96 19.38
C LEU B 230 -14.04 -3.46 17.96
N SER B 231 -14.94 -3.77 17.04
CA SER B 231 -14.79 -3.37 15.63
C SER B 231 -15.42 -2.01 15.34
N ASN B 232 -16.22 -1.51 16.29
CA ASN B 232 -16.87 -0.22 16.14
C ASN B 232 -15.95 0.90 16.60
N VAL B 233 -16.31 2.14 16.25
CA VAL B 233 -15.55 3.30 16.66
C VAL B 233 -16.10 3.71 18.03
N GLU B 234 -15.28 4.41 18.80
CA GLU B 234 -15.69 4.83 20.14
C GLU B 234 -17.02 5.58 20.15
N GLY B 235 -17.87 5.26 21.12
CA GLY B 235 -19.16 5.92 21.22
C GLY B 235 -20.30 5.08 20.70
N ASP B 236 -20.09 4.37 19.58
CA ASP B 236 -21.13 3.52 19.01
C ASP B 236 -21.33 2.30 19.89
N ASN B 237 -22.41 1.58 19.69
CA ASN B 237 -22.63 0.38 20.49
C ASN B 237 -21.51 -0.61 20.23
N ALA B 238 -21.05 -1.26 21.30
CA ALA B 238 -19.97 -2.21 21.22
C ALA B 238 -20.29 -3.41 20.33
N VAL B 239 -19.34 -3.78 19.49
CA VAL B 239 -19.48 -4.92 18.59
C VAL B 239 -18.18 -5.73 18.63
N PRO B 240 -18.18 -6.83 19.39
CA PRO B 240 -17.00 -7.67 19.51
C PRO B 240 -16.43 -8.19 18.20
N MET B 241 -15.11 -8.28 18.17
CA MET B 241 -14.35 -8.76 17.02
C MET B 241 -14.36 -10.29 17.15
N GLN B 242 -15.48 -10.90 16.79
CA GLN B 242 -15.69 -12.35 16.91
C GLN B 242 -14.72 -13.27 16.19
N HIS B 243 -14.44 -12.96 14.92
CA HIS B 243 -13.56 -13.80 14.13
C HIS B 243 -13.01 -13.04 12.94
N ASN B 244 -11.90 -13.53 12.40
CA ASN B 244 -11.31 -12.88 11.24
C ASN B 244 -10.43 -13.81 10.43
N ASN B 245 -10.82 -15.08 10.34
CA ASN B 245 -10.05 -16.05 9.56
C ASN B 245 -10.76 -16.39 8.26
N ARG B 246 -10.02 -16.37 7.16
CA ARG B 246 -10.56 -16.68 5.84
C ARG B 246 -10.48 -18.19 5.61
N PRO B 247 -11.47 -18.77 4.91
CA PRO B 247 -11.44 -20.20 4.64
C PRO B 247 -10.27 -20.54 3.71
N THR B 248 -9.80 -21.78 3.76
CA THR B 248 -8.70 -22.22 2.90
C THR B 248 -9.15 -22.15 1.45
N GLN B 249 -8.21 -21.81 0.57
CA GLN B 249 -8.48 -21.65 -0.87
C GLN B 249 -7.83 -22.76 -1.68
N PRO B 250 -8.37 -23.02 -2.90
CA PRO B 250 -7.82 -24.05 -3.77
C PRO B 250 -6.36 -23.85 -4.12
N LEU B 251 -5.59 -24.92 -4.01
CA LEU B 251 -4.16 -24.89 -4.28
C LEU B 251 -3.88 -24.61 -5.76
N LYS B 252 -4.81 -24.99 -6.63
CA LYS B 252 -4.71 -24.80 -8.07
C LYS B 252 -3.34 -25.14 -8.70
N GLY B 253 -2.85 -26.32 -8.38
CA GLY B 253 -1.58 -26.76 -8.95
C GLY B 253 -0.32 -26.35 -8.23
N ARG B 254 -0.43 -25.48 -7.23
CA ARG B 254 0.76 -25.06 -6.49
C ARG B 254 1.35 -26.22 -5.70
N THR B 255 2.64 -26.13 -5.41
CA THR B 255 3.33 -27.16 -4.65
C THR B 255 3.74 -26.61 -3.28
N VAL B 256 3.46 -27.37 -2.24
CA VAL B 256 3.86 -26.96 -0.90
C VAL B 256 5.16 -27.70 -0.61
N ARG B 257 6.24 -26.96 -0.43
CA ARG B 257 7.54 -27.57 -0.15
C ARG B 257 7.80 -27.64 1.35
N ALA B 258 8.51 -28.69 1.76
CA ALA B 258 8.85 -28.88 3.16
C ALA B 258 10.36 -28.77 3.33
N SER B 259 10.78 -28.19 4.46
CA SER B 259 12.21 -28.01 4.74
C SER B 259 12.71 -29.25 5.48
N PHE B 260 11.78 -30.08 5.91
CA PHE B 260 12.10 -31.28 6.68
C PHE B 260 11.53 -32.55 6.04
#